data_2R5B
#
_entry.id   2R5B
#
_cell.length_a   47.024
_cell.length_b   106.201
_cell.length_c   76.700
_cell.angle_alpha   90.000
_cell.angle_beta   90.000
_cell.angle_gamma   90.000
#
_symmetry.space_group_name_H-M   'C 2 2 21'
#
loop_
_entity.id
_entity.type
_entity.pdbx_description
1 polymer 'gp41 N-peptide'
2 polymer 'HIV entry inhibitor PIE7'
3 non-polymer 'SULFATE ION'
4 water water
#
loop_
_entity_poly.entity_id
_entity_poly.type
_entity_poly.pdbx_seq_one_letter_code
_entity_poly.pdbx_strand_id
1 'polypeptide(L)' (ACE)RMKQIEDKIEEIESKQKKIENEIARIKKLLQLTVWGIKQLQARIL(NH2) A,B,C
2 'polypeptide(D)'
;(ACE)(DLY)G(DAL)(DCY)(DAS)(DTY)(DPR)(DGL)(DTR)(DGN)(DTR)(DLE)(DCY)(DAL)(DAL)
(NH2)
;
H,K,L
#
loop_
_chem_comp.id
_chem_comp.type
_chem_comp.name
_chem_comp.formula
ACE non-polymer 'ACETYL GROUP' 'C2 H4 O'
NH2 non-polymer 'AMINO GROUP' 'H2 N'
SO4 non-polymer 'SULFATE ION' 'O4 S -2'
#
# COMPACT_ATOMS: atom_id res chain seq x y z
C ACE A 1 -11.99 35.01 -3.38
O ACE A 1 -11.29 34.01 -3.43
CH3 ACE A 1 -11.94 36.06 -4.46
N ARG A 2 -12.72 35.34 -2.31
CA ARG A 2 -12.97 34.46 -1.17
C ARG A 2 -13.87 33.28 -1.54
N MET A 3 -14.89 33.55 -2.36
CA MET A 3 -15.82 32.50 -2.83
C MET A 3 -15.21 31.60 -3.91
N LYS A 4 -14.37 32.17 -4.77
CA LYS A 4 -13.74 31.40 -5.86
C LYS A 4 -12.51 30.61 -5.42
N GLN A 5 -11.90 31.01 -4.31
CA GLN A 5 -10.85 30.24 -3.69
C GLN A 5 -11.43 28.90 -3.23
N ILE A 6 -12.59 28.95 -2.58
CA ILE A 6 -13.39 27.77 -2.23
C ILE A 6 -13.57 26.84 -3.43
N GLU A 7 -14.05 27.39 -4.55
CA GLU A 7 -14.28 26.61 -5.77
C GLU A 7 -13.00 25.98 -6.31
N ASP A 8 -11.94 26.77 -6.38
CA ASP A 8 -10.62 26.28 -6.78
C ASP A 8 -10.18 25.11 -5.89
N LYS A 9 -10.28 25.28 -4.58
CA LYS A 9 -9.83 24.25 -3.63
C LYS A 9 -10.63 22.94 -3.73
N ILE A 10 -11.94 23.03 -3.90
CA ILE A 10 -12.79 21.84 -4.08
C ILE A 10 -12.34 21.03 -5.29
N GLU A 11 -12.13 21.75 -6.39
CA GLU A 11 -11.70 21.13 -7.64
C GLU A 11 -10.28 20.53 -7.55
N GLU A 12 -9.39 21.16 -6.79
CA GLU A 12 -8.05 20.63 -6.53
C GLU A 12 -8.04 19.38 -5.60
N ILE A 13 -8.91 19.37 -4.60
CA ILE A 13 -9.12 18.20 -3.74
C ILE A 13 -9.64 17.01 -4.55
N GLU A 14 -10.66 17.25 -5.39
CA GLU A 14 -11.21 16.22 -6.27
C GLU A 14 -10.14 15.61 -7.19
N SER A 15 -9.31 16.48 -7.78
CA SER A 15 -8.20 16.03 -8.60
C SER A 15 -7.21 15.20 -7.80
N LYS A 16 -6.89 15.65 -6.59
CA LYS A 16 -5.97 14.92 -5.72
C LYS A 16 -6.52 13.55 -5.30
N GLN A 17 -7.85 13.45 -5.15
CA GLN A 17 -8.46 12.15 -4.82
C GLN A 17 -8.35 11.14 -5.96
N LYS A 18 -8.50 11.61 -7.20
CA LYS A 18 -8.31 10.75 -8.39
C LYS A 18 -6.86 10.29 -8.53
N LYS A 19 -5.92 11.19 -8.27
CA LYS A 19 -4.50 10.85 -8.23
C LYS A 19 -4.21 9.73 -7.20
N ILE A 20 -4.76 9.89 -6.00
CA ILE A 20 -4.61 8.94 -4.90
C ILE A 20 -5.22 7.58 -5.23
N GLU A 21 -6.42 7.58 -5.82
CA GLU A 21 -7.06 6.31 -6.21
C GLU A 21 -6.25 5.56 -7.28
N ASN A 22 -5.66 6.30 -8.23
CA ASN A 22 -4.76 5.70 -9.22
C ASN A 22 -3.52 5.08 -8.56
N GLU A 23 -2.98 5.74 -7.53
CA GLU A 23 -1.78 5.23 -6.82
C GLU A 23 -2.14 3.97 -6.07
N ILE A 24 -3.33 3.97 -5.45
CA ILE A 24 -3.84 2.84 -4.71
C ILE A 24 -4.01 1.64 -5.65
N ALA A 25 -4.58 1.87 -6.83
CA ALA A 25 -4.70 0.79 -7.81
C ALA A 25 -3.34 0.20 -8.21
N ARG A 26 -2.33 1.04 -8.41
CA ARG A 26 -0.97 0.57 -8.68
C ARG A 26 -0.35 -0.22 -7.51
N ILE A 27 -0.57 0.27 -6.28
CA ILE A 27 -0.07 -0.42 -5.08
C ILE A 27 -0.72 -1.81 -4.98
N LYS A 28 -2.04 -1.88 -5.16
CA LYS A 28 -2.76 -3.17 -5.10
C LYS A 28 -2.22 -4.21 -6.08
N LYS A 29 -1.94 -3.79 -7.32
CA LYS A 29 -1.32 -4.67 -8.33
C LYS A 29 0.04 -5.23 -7.90
N LEU A 30 0.92 -4.37 -7.39
CA LEU A 30 2.23 -4.84 -6.96
C LEU A 30 2.12 -5.71 -5.71
N LEU A 31 1.22 -5.34 -4.80
CA LEU A 31 0.95 -6.19 -3.65
C LEU A 31 0.54 -7.58 -4.05
N GLN A 32 -0.32 -7.68 -5.05
CA GLN A 32 -0.78 -9.01 -5.46
C GLN A 32 0.37 -9.82 -6.02
N LEU A 33 1.28 -9.17 -6.74
CA LEU A 33 2.55 -9.78 -7.15
C LEU A 33 3.42 -10.28 -6.00
N THR A 34 3.63 -9.45 -4.98
CA THR A 34 4.44 -9.91 -3.84
C THR A 34 3.78 -11.08 -3.08
N VAL A 35 2.46 -11.02 -2.94
CA VAL A 35 1.69 -12.15 -2.38
C VAL A 35 1.98 -13.44 -3.15
N TRP A 36 1.94 -13.34 -4.49
CA TRP A 36 2.17 -14.51 -5.33
C TRP A 36 3.62 -15.01 -5.15
N GLY A 37 4.57 -14.09 -5.08
CA GLY A 37 6.01 -14.45 -4.99
C GLY A 37 6.33 -15.16 -3.66
N ILE A 38 5.76 -14.66 -2.57
CA ILE A 38 5.96 -15.28 -1.23
C ILE A 38 5.39 -16.69 -1.20
N LYS A 39 4.19 -16.86 -1.78
CA LYS A 39 3.51 -18.15 -1.92
C LYS A 39 4.39 -19.13 -2.69
N GLN A 40 5.04 -18.64 -3.75
CA GLN A 40 5.94 -19.50 -4.56
C GLN A 40 7.17 -19.92 -3.78
N LEU A 41 7.80 -18.96 -3.08
CA LEU A 41 8.97 -19.26 -2.24
C LEU A 41 8.69 -20.23 -1.11
N GLN A 42 7.57 -20.01 -0.43
CA GLN A 42 7.20 -20.92 0.64
C GLN A 42 7.05 -22.34 0.10
N ALA A 43 6.35 -22.48 -1.01
CA ALA A 43 6.14 -23.80 -1.61
C ALA A 43 7.48 -24.45 -1.98
N ARG A 44 8.41 -23.66 -2.50
CA ARG A 44 9.72 -24.16 -2.88
C ARG A 44 10.51 -24.65 -1.68
N ILE A 45 10.53 -23.90 -0.58
CA ILE A 45 11.34 -24.30 0.57
C ILE A 45 10.65 -25.41 1.39
N LEU A 46 9.32 -25.42 1.42
CA LEU A 46 8.58 -26.51 2.05
C LEU A 46 8.19 -27.52 0.99
N NH2 A 47 6.99 -27.39 0.46
C ACE B 1 -26.92 27.40 -3.98
O ACE B 1 -26.59 26.21 -3.94
CH3 ACE B 1 -28.37 27.79 -4.06
N ARG B 2 -26.04 28.38 -4.17
CA ARG B 2 -24.61 28.10 -4.33
C ARG B 2 -23.96 27.42 -3.12
N MET B 3 -24.30 27.85 -1.91
CA MET B 3 -23.72 27.20 -0.74
C MET B 3 -24.14 25.72 -0.61
N LYS B 4 -25.38 25.41 -0.93
CA LYS B 4 -25.84 24.02 -0.92
C LYS B 4 -25.08 23.20 -1.96
N GLN B 5 -24.91 23.76 -3.17
CA GLN B 5 -24.10 23.11 -4.21
C GLN B 5 -22.70 22.76 -3.68
N ILE B 6 -22.09 23.70 -2.97
CA ILE B 6 -20.74 23.52 -2.43
C ILE B 6 -20.75 22.46 -1.33
N GLU B 7 -21.73 22.54 -0.42
CA GLU B 7 -21.88 21.55 0.64
C GLU B 7 -22.11 20.11 0.12
N ASP B 8 -22.96 19.98 -0.90
CA ASP B 8 -23.14 18.71 -1.63
C ASP B 8 -21.82 18.17 -2.21
N LYS B 9 -21.01 19.05 -2.80
CA LYS B 9 -19.69 18.67 -3.33
C LYS B 9 -18.76 18.17 -2.23
N ILE B 10 -18.73 18.90 -1.12
CA ILE B 10 -17.97 18.50 0.05
C ILE B 10 -18.40 17.12 0.58
N GLU B 11 -19.71 16.86 0.63
CA GLU B 11 -20.24 15.56 1.06
C GLU B 11 -19.73 14.38 0.21
N GLU B 12 -19.64 14.61 -1.10
CA GLU B 12 -19.12 13.60 -2.01
C GLU B 12 -17.62 13.39 -1.82
N ILE B 13 -16.90 14.47 -1.54
CA ILE B 13 -15.46 14.41 -1.23
C ILE B 13 -15.24 13.58 0.06
N GLU B 14 -16.02 13.87 1.10
CA GLU B 14 -15.92 13.14 2.37
C GLU B 14 -16.20 11.65 2.25
N SER B 15 -17.26 11.30 1.52
CA SER B 15 -17.58 9.92 1.17
C SER B 15 -16.42 9.22 0.46
N LYS B 16 -15.92 9.82 -0.62
CA LYS B 16 -14.72 9.31 -1.30
C LYS B 16 -13.52 9.17 -0.36
N GLN B 17 -13.32 10.15 0.53
CA GLN B 17 -12.16 10.12 1.45
C GLN B 17 -12.24 8.95 2.42
N LYS B 18 -13.44 8.64 2.90
CA LYS B 18 -13.62 7.49 3.77
C LYS B 18 -13.37 6.18 3.03
N LYS B 19 -13.81 6.12 1.77
CA LYS B 19 -13.47 5.02 0.87
C LYS B 19 -11.95 4.84 0.73
N ILE B 20 -11.25 5.94 0.50
CA ILE B 20 -9.78 5.91 0.39
C ILE B 20 -9.15 5.45 1.70
N GLU B 21 -9.60 6.02 2.82
CA GLU B 21 -9.11 5.61 4.14
C GLU B 21 -9.27 4.11 4.42
N ASN B 22 -10.43 3.55 4.05
CA ASN B 22 -10.68 2.09 4.19
C ASN B 22 -9.82 1.25 3.26
N GLU B 23 -9.56 1.77 2.06
CA GLU B 23 -8.66 1.12 1.11
C GLU B 23 -7.23 1.06 1.64
N ILE B 24 -6.75 2.19 2.17
CA ILE B 24 -5.43 2.26 2.78
C ILE B 24 -5.28 1.36 4.04
N ALA B 25 -6.33 1.26 4.86
CA ALA B 25 -6.33 0.32 6.00
C ALA B 25 -6.15 -1.14 5.52
N ARG B 26 -6.88 -1.50 4.47
CA ARG B 26 -6.78 -2.82 3.86
C ARG B 26 -5.36 -3.11 3.32
N ILE B 27 -4.80 -2.13 2.66
CA ILE B 27 -3.45 -2.22 2.11
C ILE B 27 -2.42 -2.43 3.22
N LYS B 28 -2.46 -1.60 4.25
CA LYS B 28 -1.54 -1.71 5.39
C LYS B 28 -1.61 -3.08 6.09
N LYS B 29 -2.82 -3.62 6.22
CA LYS B 29 -3.00 -4.95 6.79
C LYS B 29 -2.37 -6.06 5.94
N LEU B 30 -2.52 -5.95 4.63
CA LEU B 30 -1.96 -6.94 3.73
C LEU B 30 -0.43 -6.79 3.67
N LEU B 31 0.05 -5.55 3.66
CA LEU B 31 1.48 -5.29 3.66
C LEU B 31 2.14 -5.83 4.94
N GLN B 32 1.47 -5.65 6.09
CA GLN B 32 1.89 -6.24 7.37
C GLN B 32 2.02 -7.78 7.26
N LEU B 33 1.08 -8.41 6.58
CA LEU B 33 1.15 -9.87 6.41
C LEU B 33 2.37 -10.27 5.57
N THR B 34 2.61 -9.53 4.48
CA THR B 34 3.67 -9.89 3.54
C THR B 34 5.05 -9.69 4.18
N VAL B 35 5.19 -8.62 4.97
CA VAL B 35 6.40 -8.37 5.76
C VAL B 35 6.67 -9.55 6.68
N TRP B 36 5.63 -9.98 7.37
CA TRP B 36 5.69 -11.13 8.29
C TRP B 36 6.11 -12.41 7.54
N GLY B 37 5.51 -12.63 6.38
CA GLY B 37 5.76 -13.83 5.60
C GLY B 37 7.21 -13.86 5.11
N ILE B 38 7.73 -12.72 4.68
CA ILE B 38 9.13 -12.63 4.31
C ILE B 38 10.08 -12.91 5.48
N LYS B 39 9.80 -12.32 6.64
CA LYS B 39 10.56 -12.56 7.84
C LYS B 39 10.54 -14.05 8.23
N GLN B 40 9.39 -14.71 8.06
CA GLN B 40 9.33 -16.15 8.40
C GLN B 40 10.18 -17.01 7.45
N LEU B 41 10.05 -16.77 6.16
CA LEU B 41 10.83 -17.47 5.15
C LEU B 41 12.33 -17.27 5.32
N GLN B 42 12.76 -16.03 5.55
CA GLN B 42 14.17 -15.77 5.75
C GLN B 42 14.75 -16.57 6.94
N ALA B 43 14.05 -16.53 8.06
CA ALA B 43 14.43 -17.27 9.27
C ALA B 43 14.54 -18.78 8.97
N ARG B 44 13.62 -19.28 8.13
CA ARG B 44 13.62 -20.69 7.74
C ARG B 44 14.84 -21.04 6.90
N ILE B 45 15.15 -20.20 5.90
CA ILE B 45 16.24 -20.54 4.98
C ILE B 45 17.61 -20.31 5.59
N LEU B 46 17.71 -19.37 6.54
CA LEU B 46 18.95 -19.14 7.26
C LEU B 46 19.22 -20.19 8.37
N NH2 B 47 18.20 -21.01 8.67
C ACE C 1 -21.12 30.26 8.96
O ACE C 1 -20.17 29.47 9.08
CH3 ACE C 1 -21.37 31.33 9.98
N ARG C 2 -22.07 30.12 8.02
CA ARG C 2 -22.16 28.94 7.16
C ARG C 2 -21.01 28.91 6.18
N MET C 3 -20.61 30.08 5.68
CA MET C 3 -19.44 30.21 4.79
C MET C 3 -18.12 29.91 5.51
N LYS C 4 -18.05 30.23 6.80
CA LYS C 4 -16.86 29.91 7.60
C LYS C 4 -16.72 28.41 7.83
N GLN C 5 -17.87 27.74 8.05
CA GLN C 5 -17.94 26.28 8.19
C GLN C 5 -17.46 25.58 6.92
N ILE C 6 -17.82 26.12 5.77
CA ILE C 6 -17.37 25.57 4.50
C ILE C 6 -15.85 25.68 4.40
N GLU C 7 -15.32 26.87 4.67
CA GLU C 7 -13.88 27.13 4.64
C GLU C 7 -13.06 26.24 5.58
N ASP C 8 -13.58 26.03 6.79
CA ASP C 8 -12.95 25.21 7.80
C ASP C 8 -12.98 23.73 7.42
N LYS C 9 -14.14 23.27 6.93
CA LYS C 9 -14.28 21.91 6.43
C LYS C 9 -13.23 21.60 5.35
N ILE C 10 -13.11 22.49 4.36
CA ILE C 10 -12.12 22.34 3.29
C ILE C 10 -10.68 22.33 3.81
N GLU C 11 -10.41 23.16 4.82
CA GLU C 11 -9.13 23.13 5.52
C GLU C 11 -8.85 21.74 6.09
N GLU C 12 -9.81 21.23 6.84
CA GLU C 12 -9.72 19.90 7.47
C GLU C 12 -9.49 18.81 6.43
N ILE C 13 -10.23 18.88 5.33
CA ILE C 13 -10.05 17.95 4.21
C ILE C 13 -8.63 18.02 3.65
N GLU C 14 -8.09 19.23 3.47
CA GLU C 14 -6.75 19.44 2.91
C GLU C 14 -5.63 18.89 3.79
N SER C 15 -5.73 19.13 5.09
CA SER C 15 -4.77 18.59 6.08
C SER C 15 -4.79 17.05 6.07
N LYS C 16 -6.00 16.51 5.95
CA LYS C 16 -6.19 15.07 5.95
C LYS C 16 -5.65 14.44 4.65
N GLN C 17 -5.92 15.07 3.53
CA GLN C 17 -5.37 14.61 2.26
C GLN C 17 -3.82 14.56 2.25
N LYS C 18 -3.20 15.58 2.84
CA LYS C 18 -1.74 15.59 3.04
C LYS C 18 -1.25 14.41 3.91
N LYS C 19 -1.99 14.09 4.97
CA LYS C 19 -1.68 12.94 5.82
C LYS C 19 -1.80 11.59 5.04
N ILE C 20 -2.85 11.49 4.22
CA ILE C 20 -3.10 10.35 3.36
C ILE C 20 -1.96 10.21 2.34
N GLU C 21 -1.56 11.32 1.72
CA GLU C 21 -0.41 11.37 0.82
C GLU C 21 0.88 10.92 1.51
N ASN C 22 1.11 11.37 2.75
CA ASN C 22 2.29 10.94 3.51
C ASN C 22 2.26 9.43 3.78
N GLU C 23 1.07 8.92 4.10
CA GLU C 23 0.88 7.49 4.38
C GLU C 23 1.08 6.63 3.14
N ILE C 24 0.57 7.09 2.01
CA ILE C 24 0.82 6.44 0.71
C ILE C 24 2.32 6.38 0.41
N ALA C 25 3.04 7.48 0.65
CA ALA C 25 4.49 7.53 0.46
C ALA C 25 5.19 6.48 1.32
N ARG C 26 4.77 6.32 2.57
CA ARG C 26 5.34 5.30 3.47
C ARG C 26 5.08 3.90 2.96
N ILE C 27 3.83 3.65 2.57
CA ILE C 27 3.39 2.38 2.02
C ILE C 27 4.21 1.98 0.80
N LYS C 28 4.40 2.90 -0.15
CA LYS C 28 5.22 2.61 -1.34
C LYS C 28 6.65 2.20 -1.01
N LYS C 29 7.26 2.86 -0.03
CA LYS C 29 8.61 2.55 0.40
C LYS C 29 8.69 1.16 1.03
N LEU C 30 7.73 0.84 1.90
CA LEU C 30 7.72 -0.48 2.53
C LEU C 30 7.41 -1.56 1.49
N LEU C 31 6.46 -1.28 0.60
CA LEU C 31 6.19 -2.21 -0.51
C LEU C 31 7.45 -2.51 -1.34
N GLN C 32 8.27 -1.49 -1.60
CA GLN C 32 9.50 -1.68 -2.36
C GLN C 32 10.55 -2.51 -1.60
N LEU C 33 10.60 -2.33 -0.27
CA LEU C 33 11.43 -3.18 0.59
C LEU C 33 11.03 -4.64 0.47
N THR C 34 9.73 -4.91 0.45
CA THR C 34 9.27 -6.31 0.36
C THR C 34 9.60 -6.91 -1.00
N VAL C 35 9.43 -6.13 -2.07
CA VAL C 35 9.91 -6.56 -3.41
C VAL C 35 11.40 -6.99 -3.38
N TRP C 36 12.23 -6.13 -2.81
CA TRP C 36 13.65 -6.37 -2.70
C TRP C 36 13.91 -7.62 -1.85
N GLY C 37 13.17 -7.75 -0.74
CA GLY C 37 13.34 -8.88 0.17
C GLY C 37 13.04 -10.22 -0.50
N ILE C 38 11.93 -10.29 -1.24
CA ILE C 38 11.55 -11.50 -2.02
C ILE C 38 12.64 -11.85 -3.05
N LYS C 39 13.12 -10.83 -3.75
CA LYS C 39 14.21 -10.98 -4.70
C LYS C 39 15.45 -11.63 -4.09
N GLN C 40 15.87 -11.17 -2.91
CA GLN C 40 17.05 -11.74 -2.22
C GLN C 40 16.83 -13.19 -1.82
N LEU C 41 15.63 -13.50 -1.32
CA LEU C 41 15.32 -14.87 -0.90
C LEU C 41 15.25 -15.87 -2.05
N GLN C 42 14.70 -15.45 -3.18
CA GLN C 42 14.68 -16.33 -4.37
C GLN C 42 16.12 -16.61 -4.82
N ALA C 43 16.95 -15.58 -4.83
CA ALA C 43 18.33 -15.75 -5.26
C ALA C 43 19.15 -16.63 -4.32
N ARG C 44 18.87 -16.56 -3.00
CA ARG C 44 19.53 -17.46 -2.04
C ARG C 44 19.08 -18.91 -2.23
N ILE C 45 17.78 -19.14 -2.41
CA ILE C 45 17.30 -20.51 -2.63
C ILE C 45 17.68 -21.09 -4.00
N LEU C 46 17.85 -20.23 -5.02
CA LEU C 46 18.28 -20.70 -6.36
C LEU C 46 19.79 -20.82 -6.58
N NH2 C 47 20.59 -20.34 -5.63
N DLY D 2 0.79 -20.38 -12.55
CA DLY D 2 0.06 -19.20 -13.09
C DLY D 2 0.46 -17.94 -12.32
O DLY D 2 0.18 -17.83 -11.12
CB DLY D 2 0.33 -19.04 -14.58
CG DLY D 2 -0.87 -18.53 -15.39
CD DLY D 2 -0.63 -18.74 -16.88
CE DLY D 2 -1.92 -18.59 -17.69
NZ DLY D 2 -1.66 -18.52 -19.18
N GLY D 3 1.13 -17.02 -13.01
CA GLY D 3 1.56 -15.74 -12.42
C GLY D 3 2.99 -15.40 -12.80
N DAL D 4 3.54 -14.37 -12.14
CA DAL D 4 4.94 -13.99 -12.28
CB DAL D 4 5.25 -12.70 -11.51
C DAL D 4 5.36 -13.83 -13.73
O DAL D 4 6.49 -14.17 -14.10
N DCY D 5 4.46 -13.30 -14.54
CA DCY D 5 4.77 -12.90 -15.92
C DCY D 5 5.09 -14.10 -16.78
O DCY D 5 5.81 -13.97 -17.78
CB DCY D 5 3.61 -12.09 -16.51
SG DCY D 5 3.51 -10.44 -15.76
N DAS D 6 4.61 -15.27 -16.37
CA DAS D 6 4.81 -16.52 -17.10
C DAS D 6 6.17 -17.16 -16.89
O DAS D 6 6.56 -18.07 -17.64
CB DAS D 6 3.71 -17.54 -16.74
CG DAS D 6 2.34 -17.02 -17.04
OD1 DAS D 6 1.62 -16.67 -16.08
OD2 DAS D 6 1.96 -16.93 -18.22
N DTY D 7 6.90 -16.71 -15.87
CA DTY D 7 8.15 -17.36 -15.46
C DTY D 7 9.35 -16.50 -15.75
O DTY D 7 9.42 -15.37 -15.28
CB DTY D 7 8.12 -17.68 -13.94
CG DTY D 7 7.01 -18.59 -13.49
CD1 DTY D 7 7.28 -19.89 -13.04
CD2 DTY D 7 5.70 -18.15 -13.49
CE1 DTY D 7 6.23 -20.73 -12.63
CE2 DTY D 7 4.66 -18.95 -13.07
CZ DTY D 7 4.93 -20.25 -12.64
OH DTY D 7 3.87 -21.04 -12.24
N DPR D 8 10.32 -17.03 -16.49
CA DPR D 8 11.58 -16.32 -16.71
CB DPR D 8 12.44 -17.33 -17.50
CG DPR D 8 11.75 -18.62 -17.40
CD DPR D 8 10.30 -18.34 -17.19
C DPR D 8 12.27 -15.92 -15.40
O DPR D 8 12.83 -14.83 -15.33
N DGL D 9 12.22 -16.77 -14.38
CA DGL D 9 12.87 -16.49 -13.08
C DGL D 9 12.24 -15.32 -12.32
O DGL D 9 12.86 -14.79 -11.37
CB DGL D 9 12.84 -17.74 -12.17
CG DGL D 9 12.80 -19.08 -12.93
CD DGL D 9 11.39 -19.64 -13.03
OE1 DGL D 9 10.85 -19.64 -14.16
OE2 DGL D 9 10.83 -20.08 -11.99
N DTR D 10 11.01 -14.93 -12.69
CA DTR D 10 10.26 -13.93 -11.92
CB DTR D 10 8.89 -14.49 -11.50
CG DTR D 10 8.99 -15.55 -10.48
CD1 DTR D 10 8.93 -16.89 -10.68
NE1 DTR D 10 9.07 -17.56 -9.47
CE2 DTR D 10 9.22 -16.64 -8.46
CZ2 DTR D 10 9.39 -16.82 -7.08
CH2 DTR D 10 9.53 -15.68 -6.31
CZ3 DTR D 10 9.50 -14.40 -6.87
CE3 DTR D 10 9.35 -14.22 -8.25
CD2 DTR D 10 9.20 -15.36 -9.06
C DTR D 10 10.04 -12.65 -12.74
O DTR D 10 9.19 -11.83 -12.41
N DGN D 11 10.79 -12.49 -13.82
CA DGN D 11 10.62 -11.32 -14.70
C DGN D 11 10.83 -10.01 -13.96
O DGN D 11 10.16 -9.03 -14.23
CB DGN D 11 11.53 -11.43 -15.94
CG DGN D 11 11.06 -12.49 -16.93
CD DGN D 11 9.58 -12.38 -17.22
OE1 DGN D 11 9.10 -11.33 -17.66
NE2 DGN D 11 8.84 -13.44 -16.95
N DTR D 12 11.75 -10.01 -13.00
CA DTR D 12 12.04 -8.79 -12.24
CB DTR D 12 13.27 -9.01 -11.33
CG DTR D 12 13.02 -10.11 -10.33
CD1 DTR D 12 13.29 -11.44 -10.50
NE1 DTR D 12 12.88 -12.15 -9.36
CE2 DTR D 12 12.34 -11.27 -8.46
CZ2 DTR D 12 11.79 -11.51 -7.20
CH2 DTR D 12 11.30 -10.43 -6.49
CZ3 DTR D 12 11.35 -9.13 -7.02
CE3 DTR D 12 11.91 -8.89 -8.29
CD2 DTR D 12 12.39 -9.99 -9.03
C DTR D 12 10.80 -8.34 -11.44
O DTR D 12 10.57 -7.14 -11.24
N DLE D 13 9.99 -9.32 -11.01
CA DLE D 13 8.84 -9.06 -10.15
CB DLE D 13 8.48 -10.31 -9.35
CG DLE D 13 7.22 -10.28 -8.45
CD1 DLE D 13 7.23 -9.10 -7.43
CD2 DLE D 13 7.09 -11.63 -7.75
C DLE D 13 7.67 -8.61 -11.00
O DLE D 13 6.97 -7.67 -10.66
N DCY D 14 7.48 -9.27 -12.13
CA DCY D 14 6.50 -8.87 -13.11
C DCY D 14 6.76 -7.40 -13.52
O DCY D 14 5.82 -6.60 -13.66
CB DCY D 14 6.61 -9.81 -14.32
SG DCY D 14 5.37 -9.58 -15.56
N DAL D 15 8.03 -7.07 -13.72
CA DAL D 15 8.42 -5.72 -14.14
CB DAL D 15 9.90 -5.70 -14.56
C DAL D 15 8.16 -4.66 -13.07
O DAL D 15 7.74 -3.55 -13.38
N DAL D 16 8.37 -5.04 -11.80
CA DAL D 16 8.11 -4.18 -10.64
CB DAL D 16 8.60 -4.87 -9.32
C DAL D 16 6.64 -3.78 -10.52
O DAL D 16 6.30 -2.73 -9.97
N NH2 D 17 5.74 -4.63 -11.01
C ACE E 1 1.77 -15.09 18.25
O ACE E 1 2.53 -14.94 19.23
CH3 ACE E 1 0.68 -14.15 17.96
N DLY E 2 1.88 -16.13 17.44
CA DLY E 2 0.97 -16.46 16.36
C DLY E 2 1.20 -15.60 15.10
O DLY E 2 2.34 -15.41 14.67
CB DLY E 2 1.13 -17.93 16.02
CG DLY E 2 0.60 -18.93 17.08
CD DLY E 2 1.05 -20.34 16.69
CE DLY E 2 0.56 -21.44 17.63
NZ DLY E 2 0.39 -22.72 16.84
N GLY E 3 0.13 -15.08 14.50
CA GLY E 3 0.25 -14.41 13.20
C GLY E 3 -0.02 -15.37 12.05
N DAL E 4 -0.02 -14.86 10.81
CA DAL E 4 -0.37 -15.64 9.63
CB DAL E 4 -0.41 -14.74 8.37
C DAL E 4 -1.68 -16.44 9.73
O DAL E 4 -1.73 -17.60 9.33
N DCY E 5 -2.72 -15.80 10.29
CA DCY E 5 -4.04 -16.43 10.41
C DCY E 5 -4.08 -17.55 11.44
O DCY E 5 -5.06 -18.30 11.51
CB DCY E 5 -5.11 -15.37 10.72
SG DCY E 5 -5.43 -14.15 9.42
N DAS E 6 -3.02 -17.70 12.23
CA DAS E 6 -2.93 -18.80 13.19
C DAS E 6 -2.25 -20.07 12.68
O DAS E 6 -2.10 -21.03 13.45
CB DAS E 6 -2.26 -18.29 14.48
CG DAS E 6 -2.99 -17.10 15.06
OD1 DAS E 6 -2.33 -16.08 15.35
OD2 DAS E 6 -4.24 -17.19 15.20
N DTY E 7 -1.83 -20.06 11.41
CA DTY E 7 -1.14 -21.21 10.79
C DTY E 7 -1.85 -21.72 9.54
O DTY E 7 -2.05 -20.95 8.62
CB DTY E 7 0.27 -20.82 10.34
CG DTY E 7 1.23 -20.54 11.46
CD1 DTY E 7 1.86 -21.57 12.14
CD2 DTY E 7 1.47 -19.23 11.84
CE1 DTY E 7 2.74 -21.30 13.18
CE2 DTY E 7 2.34 -18.95 12.86
CZ DTY E 7 2.96 -19.98 13.54
OH DTY E 7 3.82 -19.67 14.56
N DPR E 8 -2.22 -23.01 9.51
CA DPR E 8 -2.85 -23.58 8.30
CB DPR E 8 -2.92 -25.09 8.61
CG DPR E 8 -2.80 -25.21 10.03
CD DPR E 8 -2.10 -24.01 10.58
C DPR E 8 -2.04 -23.36 7.02
O DPR E 8 -2.61 -23.14 5.96
N DGL E 9 -0.71 -23.42 7.15
CA DGL E 9 0.18 -23.28 6.00
C DGL E 9 0.29 -21.82 5.47
O DGL E 9 0.85 -21.59 4.39
CB DGL E 9 1.55 -23.89 6.33
CG DGL E 9 2.29 -23.17 7.46
CD DGL E 9 2.07 -23.81 8.85
OE1 DGL E 9 2.99 -23.69 9.69
OE2 DGL E 9 1.00 -24.40 9.14
N DTR E 10 -0.27 -20.87 6.24
CA DTR E 10 -0.30 -19.46 5.87
CB DTR E 10 0.39 -18.62 6.96
CG DTR E 10 1.91 -18.78 6.99
CD1 DTR E 10 2.65 -19.46 7.89
NE1 DTR E 10 4.00 -19.37 7.56
CE2 DTR E 10 4.14 -18.62 6.43
CZ2 DTR E 10 5.28 -18.23 5.73
CH2 DTR E 10 5.11 -17.47 4.61
CZ3 DTR E 10 3.83 -17.06 4.18
CE3 DTR E 10 2.69 -17.44 4.88
CD2 DTR E 10 2.84 -18.23 6.03
C DTR E 10 -1.72 -18.95 5.60
O DTR E 10 -1.95 -17.75 5.45
N DGN E 11 -2.68 -19.88 5.53
CA DGN E 11 -4.08 -19.55 5.31
C DGN E 11 -4.32 -18.79 4.00
O DGN E 11 -5.12 -17.84 3.96
CB DGN E 11 -4.96 -20.82 5.44
CG DGN E 11 -6.47 -20.65 5.25
CD DGN E 11 -7.08 -19.52 6.06
OE1 DGN E 11 -6.72 -19.29 7.23
NE2 DGN E 11 -8.01 -18.82 5.44
N DTR E 12 -3.62 -19.18 2.94
CA DTR E 12 -3.65 -18.43 1.68
CB DTR E 12 -2.75 -19.08 0.59
CG DTR E 12 -1.28 -19.05 0.96
CD1 DTR E 12 -0.58 -20.01 1.65
NE1 DTR E 12 0.71 -19.60 1.85
CE2 DTR E 12 0.87 -18.37 1.26
CZ2 DTR E 12 2.01 -17.55 1.20
CH2 DTR E 12 1.87 -16.34 0.56
CZ3 DTR E 12 0.66 -15.93 0.00
CE3 DTR E 12 -0.47 -16.73 0.08
CD2 DTR E 12 -0.37 -17.99 0.72
C DTR E 12 -3.28 -16.94 1.90
O DTR E 12 -3.91 -16.05 1.32
N DLE E 13 -2.31 -16.67 2.76
CA DLE E 13 -1.87 -15.27 3.00
CB DLE E 13 -0.51 -15.23 3.67
CG DLE E 13 0.11 -13.86 3.95
CD1 DLE E 13 1.43 -14.01 4.69
CD2 DLE E 13 0.29 -13.04 2.63
C DLE E 13 -2.92 -14.49 3.81
O DLE E 13 -3.35 -13.40 3.41
N DCY E 14 -3.34 -15.08 4.94
CA DCY E 14 -4.47 -14.61 5.75
C DCY E 14 -5.68 -14.22 4.89
O DCY E 14 -6.27 -13.16 5.09
CB DCY E 14 -4.86 -15.70 6.78
SG DCY E 14 -6.28 -15.36 7.88
N DAL E 15 -6.03 -15.08 3.94
CA DAL E 15 -7.15 -14.81 3.02
CB DAL E 15 -7.52 -16.06 2.19
C DAL E 15 -6.89 -13.63 2.09
O DAL E 15 -7.82 -12.95 1.69
N DAL E 16 -5.62 -13.39 1.76
CA DAL E 16 -5.23 -12.30 0.83
CB DAL E 16 -3.79 -12.48 0.36
C DAL E 16 -5.40 -10.92 1.47
O DAL E 16 -5.73 -9.94 0.79
N NH2 E 17 -5.17 -10.84 2.77
C ACE F 1 23.04 -0.56 -3.68
O ACE F 1 23.79 0.20 -3.07
CH3 ACE F 1 23.04 -0.47 -5.18
N DLY F 2 22.80 -1.81 -3.26
CA DLY F 2 22.84 -2.27 -1.88
C DLY F 2 21.41 -2.70 -1.57
O DLY F 2 20.87 -3.61 -2.22
CB DLY F 2 23.74 -3.52 -1.73
CG DLY F 2 25.17 -3.29 -1.28
CD DLY F 2 25.47 -4.02 0.06
CE DLY F 2 26.18 -5.34 -0.16
NZ DLY F 2 27.14 -5.70 0.90
N GLY F 3 20.79 -2.01 -0.62
CA GLY F 3 19.43 -2.37 -0.17
C GLY F 3 19.44 -2.93 1.24
N DAL F 4 18.24 -3.11 1.82
CA DAL F 4 18.09 -3.77 3.14
CB DAL F 4 16.62 -3.75 3.61
C DAL F 4 18.98 -3.15 4.21
O DAL F 4 19.54 -3.85 5.06
N DCY F 5 19.13 -1.82 4.16
CA DCY F 5 19.90 -1.07 5.18
C DCY F 5 21.36 -1.47 5.16
O DCY F 5 22.11 -1.17 6.09
CB DCY F 5 19.74 0.44 4.96
SG DCY F 5 18.05 0.93 5.30
N DAS F 6 21.77 -2.15 4.10
CA DAS F 6 23.18 -2.47 3.93
C DAS F 6 23.61 -3.89 4.33
O DAS F 6 24.77 -4.24 4.19
CB DAS F 6 23.59 -2.15 2.48
CG DAS F 6 23.24 -0.73 2.11
OD1 DAS F 6 22.74 -0.50 1.00
OD2 DAS F 6 23.41 0.16 2.97
N DTY F 7 22.68 -4.69 4.86
CA DTY F 7 22.99 -6.05 5.30
C DTY F 7 22.59 -6.25 6.76
O DTY F 7 21.54 -5.80 7.17
CB DTY F 7 22.24 -7.10 4.47
CG DTY F 7 22.60 -7.13 3.01
CD1 DTY F 7 23.56 -8.02 2.52
CD2 DTY F 7 21.97 -6.27 2.11
CE1 DTY F 7 23.89 -8.05 1.19
CE2 DTY F 7 22.31 -6.28 0.76
CZ DTY F 7 23.26 -7.17 0.32
OH DTY F 7 23.57 -7.19 -1.02
N DPR F 8 23.43 -6.94 7.54
CA DPR F 8 23.07 -7.27 8.92
CB DPR F 8 24.28 -8.10 9.40
CG DPR F 8 25.44 -7.64 8.49
CD DPR F 8 24.76 -7.45 7.16
C DPR F 8 21.76 -8.08 9.02
O DPR F 8 20.95 -7.83 9.92
N DGL F 9 21.53 -9.00 8.10
CA DGL F 9 20.41 -9.92 8.22
C DGL F 9 19.09 -9.25 7.80
O DGL F 9 18.02 -9.78 8.03
CB DGL F 9 20.67 -11.22 7.42
CG DGL F 9 20.77 -11.06 5.90
CD DGL F 9 22.19 -10.80 5.35
OE1 DGL F 9 22.44 -11.19 4.18
OE2 DGL F 9 23.03 -10.21 6.06
N DTR F 10 19.19 -8.05 7.21
CA DTR F 10 18.01 -7.31 6.74
CB DTR F 10 18.13 -7.03 5.24
CG DTR F 10 18.04 -8.27 4.36
CD1 DTR F 10 19.05 -8.86 3.65
NE1 DTR F 10 18.56 -9.96 2.97
CE2 DTR F 10 17.23 -10.08 3.21
CZ2 DTR F 10 16.32 -11.03 2.74
CH2 DTR F 10 15.00 -10.91 3.16
CZ3 DTR F 10 14.61 -9.89 4.04
CE3 DTR F 10 15.52 -8.97 4.51
CD2 DTR F 10 16.86 -9.05 4.11
C DTR F 10 17.73 -5.99 7.51
O DTR F 10 16.87 -5.22 7.10
N DGN F 11 18.44 -5.74 8.61
CA DGN F 11 18.22 -4.50 9.38
C DGN F 11 16.79 -4.37 9.91
O DGN F 11 16.26 -3.27 9.98
CB DGN F 11 19.19 -4.39 10.59
CG DGN F 11 20.65 -4.25 10.19
CD DGN F 11 20.95 -2.97 9.46
OE1 DGN F 11 21.08 -1.92 10.07
NE2 DGN F 11 21.10 -3.06 8.14
N DTR F 12 16.17 -5.49 10.26
CA DTR F 12 14.77 -5.53 10.68
CB DTR F 12 14.37 -6.94 11.13
CG DTR F 12 14.27 -7.91 10.01
CD1 DTR F 12 15.25 -8.74 9.55
NE1 DTR F 12 14.79 -9.49 8.50
CE2 DTR F 12 13.48 -9.13 8.24
CZ2 DTR F 12 12.60 -9.61 7.25
CH2 DTR F 12 11.33 -9.05 7.22
CZ3 DTR F 12 10.93 -8.06 8.15
CE3 DTR F 12 11.82 -7.61 9.12
CD2 DTR F 12 13.12 -8.15 9.18
C DTR F 12 13.81 -4.99 9.60
O DTR F 12 12.84 -4.26 9.89
N DLE F 13 14.09 -5.35 8.34
CA DLE F 13 13.31 -4.88 7.22
CB DLE F 13 13.62 -5.73 5.97
CG DLE F 13 12.76 -5.44 4.74
CD1 DLE F 13 13.18 -6.41 3.58
CD2 DLE F 13 11.24 -5.51 5.02
C DLE F 13 13.54 -3.39 6.93
O DLE F 13 12.59 -2.64 6.63
N DCY F 14 14.82 -2.97 6.94
CA DCY F 14 15.23 -1.56 6.85
C DCY F 14 14.38 -0.72 7.84
O DCY F 14 13.78 0.29 7.46
CB DCY F 14 16.74 -1.43 7.18
SG DCY F 14 17.41 0.26 7.26
N DAL F 15 14.36 -1.15 9.10
CA DAL F 15 13.61 -0.47 10.16
CB DAL F 15 13.88 -1.11 11.52
C DAL F 15 12.09 -0.42 9.91
O DAL F 15 11.44 0.55 10.27
N DAL F 16 11.55 -1.49 9.31
CA DAL F 16 10.10 -1.58 9.05
CB DAL F 16 9.71 -3.04 8.65
C DAL F 16 9.58 -0.60 7.99
O DAL F 16 8.41 -0.24 8.02
N NH2 F 17 10.45 -0.21 7.04
S SO4 G . -16.00 36.73 -4.03
O1 SO4 G . -15.71 37.04 -2.63
O2 SO4 G . -15.66 37.88 -4.87
O3 SO4 G . -15.22 35.57 -4.46
O4 SO4 G . -17.43 36.44 -4.17
S SO4 H . 3.84 -5.34 14.14
O1 SO4 H . 3.88 -4.23 15.07
O2 SO4 H . 3.39 -4.80 12.86
O3 SO4 H . 5.17 -5.95 14.02
O4 SO4 H . 2.94 -6.42 14.54
S SO4 I . -8.07 -7.66 11.34
O1 SO4 I . -8.81 -7.04 12.44
O2 SO4 I . -8.54 -7.11 10.08
O3 SO4 I . -6.64 -7.39 11.49
O4 SO4 I . -8.27 -9.10 11.37
#